data_4JRU
#
_entry.id   4JRU
#
_cell.length_a   34.801
_cell.length_b   70.168
_cell.length_c   74.895
_cell.angle_alpha   90.00
_cell.angle_beta   90.00
_cell.angle_gamma   90.00
#
_symmetry.space_group_name_H-M   'P 21 21 21'
#
loop_
_entity.id
_entity.type
_entity.pdbx_description
1 polymer 'thaumatin-like protein'
2 non-polymer GLYCEROL
3 water water
#
_entity_poly.entity_id   1
_entity_poly.type   'polypeptide(L)'
_entity_poly.pdbx_seq_one_letter_code
;ATFNIQNHCSYTVWAAAVPGGGMQLGSGQSWSLNVNAGTTGGRVWARTNCNFDASGNGKCETGDCGGLLQCTAYGTPPNT
LAEFALNQFSNLDFFDISLVDGFNVPMAFNPTSNGCTRGISCTADIVGECPAALKTTGGCNNPCTVFKTDEYCCNSGSCS
ATDYSRFFKTRCPDAYSYPKDDQTSTFTCTAGTNYEVVFCP
;
_entity_poly.pdbx_strand_id   A
#
# COMPACT_ATOMS: atom_id res chain seq x y z
N ALA A 1 -13.76 -6.44 11.50
CA ALA A 1 -13.87 -6.48 10.00
C ALA A 1 -12.89 -7.48 9.43
N THR A 2 -13.24 -7.97 8.28
CA THR A 2 -12.36 -8.98 7.65
C THR A 2 -11.74 -8.38 6.39
N PHE A 3 -10.44 -8.57 6.20
CA PHE A 3 -9.73 -8.21 5.03
C PHE A 3 -9.32 -9.50 4.31
N ASN A 4 -9.78 -9.71 3.08
CA ASN A 4 -9.44 -10.86 2.26
C ASN A 4 -8.28 -10.48 1.40
N ILE A 5 -7.09 -10.87 1.77
CA ILE A 5 -5.85 -10.44 1.13
C ILE A 5 -5.40 -11.51 0.18
N GLN A 6 -5.46 -11.26 -1.13
CA GLN A 6 -5.38 -12.29 -2.19
C GLN A 6 -4.20 -12.02 -3.05
N ASN A 7 -3.32 -13.00 -3.27
CA ASN A 7 -2.24 -12.81 -4.24
C ASN A 7 -2.67 -13.38 -5.60
N HIS A 8 -2.98 -12.51 -6.55
CA HIS A 8 -3.28 -12.92 -7.93
C HIS A 8 -2.07 -12.72 -8.82
N CYS A 9 -0.91 -12.44 -8.29
CA CYS A 9 0.31 -12.36 -9.10
C CYS A 9 0.75 -13.76 -9.46
N SER A 10 1.52 -13.85 -10.56
CA SER A 10 2.07 -15.21 -10.92
C SER A 10 3.23 -15.53 -10.01
N TYR A 11 3.81 -14.58 -9.25
CA TYR A 11 4.92 -14.81 -8.38
C TYR A 11 4.47 -14.77 -6.90
N THR A 12 5.26 -15.40 -6.05
CA THR A 12 5.00 -15.35 -4.59
C THR A 12 5.24 -13.92 -4.09
N VAL A 13 4.37 -13.54 -3.14
CA VAL A 13 4.63 -12.27 -2.39
C VAL A 13 4.56 -12.63 -0.91
N TRP A 14 5.05 -11.76 -0.10
CA TRP A 14 4.98 -11.86 1.39
C TRP A 14 4.09 -10.73 1.82
N ALA A 15 2.86 -11.07 2.07
CA ALA A 15 1.81 -10.07 2.46
C ALA A 15 2.19 -9.58 3.82
N ALA A 16 1.90 -8.31 4.11
CA ALA A 16 2.21 -7.63 5.37
C ALA A 16 1.03 -6.82 5.79
N ALA A 17 0.86 -6.67 7.08
CA ALA A 17 -0.23 -5.80 7.61
C ALA A 17 0.16 -5.26 8.92
N VAL A 18 -0.17 -4.01 9.19
CA VAL A 18 -0.07 -3.42 10.55
C VAL A 18 -1.37 -2.76 10.79
N PRO A 19 -2.19 -3.26 11.69
CA PRO A 19 -1.94 -4.48 12.52
C PRO A 19 -2.24 -5.75 11.80
N GLY A 20 -1.47 -6.81 12.08
CA GLY A 20 -1.79 -8.10 11.52
C GLY A 20 -0.61 -9.05 11.38
N GLY A 21 0.53 -8.50 10.96
CA GLY A 21 1.70 -9.31 10.71
C GLY A 21 1.98 -9.51 9.23
N GLY A 22 2.40 -10.71 8.87
CA GLY A 22 2.70 -11.02 7.48
C GLY A 22 2.91 -12.51 7.25
N MET A 23 2.65 -12.95 6.03
CA MET A 23 2.82 -14.40 5.66
C MET A 23 3.16 -14.50 4.20
N GLN A 24 3.85 -15.57 3.85
CA GLN A 24 4.11 -15.89 2.46
C GLN A 24 2.84 -16.28 1.77
N LEU A 25 2.51 -15.72 0.60
CA LEU A 25 1.42 -16.09 -0.20
C LEU A 25 1.91 -16.45 -1.56
N GLY A 26 1.82 -17.78 -1.87
CA GLY A 26 2.18 -18.18 -3.22
C GLY A 26 1.05 -17.68 -4.15
N SER A 27 1.36 -17.79 -5.45
CA SER A 27 0.39 -17.39 -6.44
C SER A 27 -0.98 -18.03 -6.19
N GLY A 28 -2.10 -17.33 -6.17
CA GLY A 28 -3.40 -17.85 -5.93
C GLY A 28 -3.75 -18.12 -4.47
N GLN A 29 -2.86 -17.82 -3.52
CA GLN A 29 -3.19 -18.05 -2.11
C GLN A 29 -3.66 -16.75 -1.46
N SER A 30 -4.44 -16.87 -0.41
CA SER A 30 -5.06 -15.73 0.27
C SER A 30 -5.00 -15.89 1.78
N TRP A 31 -5.13 -14.76 2.46
CA TRP A 31 -5.03 -14.59 3.92
C TRP A 31 -6.28 -13.85 4.34
N SER A 32 -7.09 -14.40 5.23
CA SER A 32 -8.18 -13.66 5.87
C SER A 32 -7.70 -13.06 7.15
N LEU A 33 -7.63 -11.76 7.22
CA LEU A 33 -7.11 -11.04 8.36
C LEU A 33 -8.23 -10.35 9.06
N ASN A 34 -8.34 -10.62 10.39
CA ASN A 34 -9.37 -9.94 11.27
C ASN A 34 -8.70 -8.54 11.55
N VAL A 35 -9.40 -7.45 11.43
CA VAL A 35 -8.95 -6.16 11.79
C VAL A 35 -10.03 -5.57 12.69
N ASN A 36 -9.69 -5.23 13.96
CA ASN A 36 -10.76 -4.75 14.89
C ASN A 36 -11.32 -3.47 14.43
N ALA A 37 -12.60 -3.32 14.75
CA ALA A 37 -13.20 -2.05 14.68
C ALA A 37 -12.46 -0.94 15.40
N GLY A 38 -12.41 0.23 14.84
CA GLY A 38 -11.70 1.36 15.41
C GLY A 38 -10.19 1.54 15.12
N THR A 39 -9.64 0.53 14.42
CA THR A 39 -8.22 0.58 14.03
C THR A 39 -7.91 1.85 13.23
N THR A 40 -6.79 2.51 13.53
CA THR A 40 -6.33 3.61 12.74
C THR A 40 -4.86 3.31 12.29
N GLY A 41 -4.40 4.09 11.33
CA GLY A 41 -3.05 3.88 10.77
C GLY A 41 -2.91 2.50 10.18
N GLY A 42 -4.01 1.88 9.75
CA GLY A 42 -3.91 0.56 9.18
C GLY A 42 -3.23 0.54 7.84
N ARG A 43 -2.43 -0.51 7.58
CA ARG A 43 -1.82 -0.73 6.25
C ARG A 43 -1.80 -2.18 5.92
N VAL A 44 -2.02 -2.50 4.64
CA VAL A 44 -1.74 -3.83 4.06
C VAL A 44 -0.86 -3.58 2.82
N TRP A 45 0.16 -4.42 2.62
CA TRP A 45 1.02 -4.27 1.47
C TRP A 45 1.59 -5.60 1.10
N ALA A 46 2.24 -5.67 -0.04
CA ALA A 46 3.01 -6.88 -0.49
C ALA A 46 4.45 -6.54 -0.39
N ARG A 47 5.26 -7.58 -0.06
CA ARG A 47 6.72 -7.47 -0.13
C ARG A 47 7.20 -8.48 -1.17
N THR A 48 8.23 -8.08 -1.90
CA THR A 48 8.81 -8.90 -3.00
C THR A 48 10.18 -9.46 -2.62
N ASN A 49 10.45 -10.61 -3.21
N ASN A 49 10.41 -10.64 -3.18
CA ASN A 49 11.81 -11.18 -3.16
CA ASN A 49 11.72 -11.31 -3.13
C ASN A 49 12.34 -11.23 -1.72
C ASN A 49 12.31 -11.30 -1.74
N CYS A 50 11.63 -11.98 -0.86
CA CYS A 50 12.04 -12.09 0.57
C CYS A 50 12.73 -13.44 0.77
N ASN A 51 13.46 -13.49 1.88
N ASN A 51 13.53 -13.48 1.84
CA ASN A 51 14.08 -14.76 2.32
CA ASN A 51 14.20 -14.72 2.29
C ASN A 51 14.17 -14.68 3.83
C ASN A 51 14.16 -14.68 3.81
N PHE A 52 13.40 -15.58 4.45
CA PHE A 52 13.28 -15.61 5.91
C PHE A 52 13.83 -16.92 6.50
N ASP A 53 14.47 -16.84 7.63
CA ASP A 53 14.96 -18.09 8.34
C ASP A 53 13.85 -18.70 9.10
N ALA A 54 14.21 -19.79 9.88
CA ALA A 54 13.28 -20.62 10.59
C ALA A 54 12.57 -19.92 11.68
N SER A 55 13.07 -18.74 12.11
CA SER A 55 12.51 -17.95 13.19
C SER A 55 11.71 -16.72 12.64
N GLY A 56 11.64 -16.62 11.31
CA GLY A 56 10.90 -15.49 10.70
C GLY A 56 11.73 -14.21 10.60
N ASN A 57 13.07 -14.32 10.64
CA ASN A 57 13.96 -13.12 10.46
C ASN A 57 14.63 -13.22 9.13
N GLY A 58 14.78 -12.06 8.47
CA GLY A 58 15.37 -12.13 7.13
C GLY A 58 15.24 -10.74 6.48
N LYS A 59 14.97 -10.73 5.18
N LYS A 59 14.97 -10.71 5.18
CA LYS A 59 15.01 -9.52 4.35
CA LYS A 59 14.98 -9.42 4.44
C LYS A 59 13.98 -9.68 3.24
C LYS A 59 14.16 -9.61 3.17
N CYS A 60 13.50 -8.50 2.77
CA CYS A 60 12.76 -8.42 1.51
C CYS A 60 13.37 -7.30 0.65
N GLU A 61 13.28 -7.50 -0.62
CA GLU A 61 13.76 -6.52 -1.61
C GLU A 61 12.91 -5.23 -1.58
N THR A 62 11.61 -5.34 -1.40
CA THR A 62 10.70 -4.16 -1.23
C THR A 62 9.82 -4.40 -0.04
N GLY A 63 9.50 -3.27 0.64
CA GLY A 63 8.53 -3.32 1.72
C GLY A 63 8.97 -4.01 3.02
N ASP A 64 10.28 -4.22 3.21
N ASP A 64 10.27 -4.26 3.19
CA ASP A 64 10.78 -4.94 4.39
CA ASP A 64 10.77 -4.95 4.39
C ASP A 64 10.38 -4.18 5.65
C ASP A 64 10.36 -4.18 5.65
N CYS A 65 9.86 -4.90 6.63
CA CYS A 65 9.43 -4.31 7.91
C CYS A 65 10.42 -4.80 9.03
N GLY A 66 11.58 -4.14 9.13
CA GLY A 66 12.49 -4.48 10.20
C GLY A 66 12.99 -5.94 10.11
N GLY A 67 13.06 -6.54 8.98
CA GLY A 67 13.56 -7.93 8.87
C GLY A 67 12.62 -8.97 9.40
N LEU A 68 11.36 -8.70 9.63
CA LEU A 68 10.43 -9.69 10.20
C LEU A 68 9.50 -10.26 9.23
N LEU A 69 9.17 -11.50 9.27
CA LEU A 69 8.08 -12.05 8.50
C LEU A 69 6.77 -11.49 8.97
N GLN A 70 6.56 -11.44 10.29
CA GLN A 70 5.31 -10.91 10.85
C GLN A 70 5.51 -9.51 11.26
N CYS A 71 5.11 -8.52 10.43
CA CYS A 71 5.39 -7.15 10.67
C CYS A 71 4.71 -6.61 11.90
N THR A 72 5.43 -5.81 12.62
CA THR A 72 4.86 -4.98 13.71
C THR A 72 5.09 -3.55 13.38
N ALA A 73 5.83 -3.17 12.38
CA ALA A 73 6.11 -1.77 11.99
C ALA A 73 5.87 -1.67 10.47
N TYR A 74 5.73 -0.45 10.00
CA TYR A 74 5.57 -0.21 8.57
C TYR A 74 6.77 -0.63 7.80
N GLY A 75 6.64 -0.81 6.52
CA GLY A 75 7.71 -1.34 5.63
C GLY A 75 8.54 -0.25 5.01
N THR A 76 9.69 -0.68 4.48
CA THR A 76 10.62 0.20 3.82
C THR A 76 10.18 0.43 2.36
N PRO A 77 10.04 1.70 1.93
CA PRO A 77 9.64 1.98 0.53
C PRO A 77 10.60 1.35 -0.42
N PRO A 78 10.20 1.04 -1.63
CA PRO A 78 8.84 1.34 -2.15
C PRO A 78 7.86 0.22 -1.87
N ASN A 79 6.62 0.60 -1.54
CA ASN A 79 5.57 -0.38 -1.28
C ASN A 79 4.21 0.25 -1.60
N THR A 80 3.47 -0.35 -2.52
CA THR A 80 2.08 0.10 -2.76
C THR A 80 1.25 -0.14 -1.52
N LEU A 81 0.47 0.86 -1.02
CA LEU A 81 -0.21 0.71 0.23
C LEU A 81 -1.68 0.72 0.17
N ALA A 82 -2.35 -0.24 0.82
CA ALA A 82 -3.77 -0.15 1.19
C ALA A 82 -3.83 0.44 2.55
N GLU A 83 -4.26 1.62 2.82
CA GLU A 83 -4.33 2.31 4.12
C GLU A 83 -5.73 2.42 4.59
N PHE A 84 -6.04 2.40 5.87
CA PHE A 84 -7.46 2.47 6.34
C PHE A 84 -7.50 2.93 7.79
N ALA A 85 -8.65 3.48 8.11
CA ALA A 85 -9.02 3.82 9.52
C ALA A 85 -10.46 3.51 9.62
N LEU A 86 -10.82 2.61 10.57
CA LEU A 86 -12.18 2.05 10.66
C LEU A 86 -13.01 2.73 11.77
N ASN A 87 -14.28 2.94 11.48
CA ASN A 87 -15.25 3.43 12.53
C ASN A 87 -14.72 4.79 13.00
N GLN A 88 -14.55 5.70 12.06
CA GLN A 88 -14.23 7.06 12.35
C GLN A 88 -15.46 7.99 12.39
N PHE A 89 -15.22 9.29 12.29
CA PHE A 89 -16.34 10.24 12.48
C PHE A 89 -17.38 9.98 11.43
N SER A 90 -18.65 10.12 11.84
CA SER A 90 -19.82 9.93 10.99
C SER A 90 -20.16 8.52 10.54
N ASN A 91 -19.82 7.55 11.38
CA ASN A 91 -20.15 6.17 11.10
C ASN A 91 -19.51 5.80 9.77
N LEU A 92 -18.21 6.21 9.56
CA LEU A 92 -17.45 5.90 8.33
C LEU A 92 -16.16 5.18 8.58
N ASP A 93 -15.86 4.26 7.65
CA ASP A 93 -14.47 3.81 7.41
C ASP A 93 -13.88 4.71 6.35
N PHE A 94 -12.62 5.05 6.49
CA PHE A 94 -11.86 5.83 5.48
C PHE A 94 -10.79 4.91 4.95
N PHE A 95 -10.65 4.83 3.65
CA PHE A 95 -9.63 3.99 3.06
C PHE A 95 -9.09 4.59 1.80
N ASP A 96 -7.89 4.17 1.41
CA ASP A 96 -7.21 4.72 0.20
C ASP A 96 -6.15 3.74 -0.28
N ILE A 97 -5.72 3.89 -1.50
CA ILE A 97 -4.44 3.38 -1.93
C ILE A 97 -3.47 4.54 -1.93
N SER A 98 -2.25 4.33 -1.39
CA SER A 98 -1.22 5.36 -1.39
C SER A 98 -0.01 4.91 -2.11
N LEU A 99 0.55 5.82 -2.90
CA LEU A 99 1.85 5.74 -3.58
C LEU A 99 2.77 6.74 -3.00
N VAL A 100 2.45 7.33 -1.87
CA VAL A 100 3.37 8.30 -1.20
C VAL A 100 4.63 7.63 -0.70
N ASP A 101 4.58 6.32 -0.42
CA ASP A 101 5.76 5.51 -0.08
C ASP A 101 6.04 4.56 -1.23
N GLY A 102 5.68 4.99 -2.44
CA GLY A 102 6.11 4.31 -3.65
C GLY A 102 5.20 3.22 -4.13
N PHE A 103 5.66 2.55 -5.18
CA PHE A 103 4.92 1.46 -5.83
C PHE A 103 5.88 0.26 -5.94
N ASN A 104 5.35 -0.91 -5.65
CA ASN A 104 6.10 -2.18 -5.97
C ASN A 104 5.21 -3.13 -6.79
N VAL A 105 4.02 -3.34 -6.30
CA VAL A 105 3.07 -4.34 -6.87
C VAL A 105 1.71 -3.66 -7.17
N PRO A 106 1.09 -4.01 -8.30
CA PRO A 106 -0.23 -3.48 -8.55
C PRO A 106 -1.27 -3.98 -7.55
N MET A 107 -2.31 -3.20 -7.35
CA MET A 107 -3.22 -3.46 -6.21
C MET A 107 -4.64 -3.05 -6.54
N ALA A 108 -5.62 -3.87 -6.10
CA ALA A 108 -7.02 -3.36 -5.96
C ALA A 108 -7.36 -3.46 -4.48
N PHE A 109 -8.17 -2.54 -4.03
CA PHE A 109 -8.57 -2.45 -2.58
C PHE A 109 -10.06 -2.08 -2.66
N ASN A 110 -10.91 -3.10 -2.42
CA ASN A 110 -12.34 -2.94 -2.66
C ASN A 110 -13.14 -3.32 -1.41
N PRO A 111 -14.27 -2.66 -1.16
CA PRO A 111 -15.21 -3.12 -0.11
C PRO A 111 -15.96 -4.34 -0.67
N THR A 112 -16.42 -5.21 0.27
CA THR A 112 -17.12 -6.43 -0.10
C THR A 112 -18.45 -6.62 0.64
N SER A 113 -18.90 -5.63 1.40
CA SER A 113 -20.12 -5.85 2.27
C SER A 113 -20.73 -4.52 2.47
N ASN A 114 -21.89 -4.54 3.19
CA ASN A 114 -22.60 -3.31 3.60
C ASN A 114 -23.17 -2.49 2.50
N GLY A 115 -23.32 -3.04 1.30
CA GLY A 115 -23.77 -2.17 0.21
C GLY A 115 -22.73 -1.13 -0.24
N CYS A 116 -21.48 -1.23 0.30
CA CYS A 116 -20.38 -0.41 -0.25
C CYS A 116 -19.75 -1.20 -1.41
N THR A 117 -19.75 -0.55 -2.61
CA THR A 117 -19.30 -1.20 -3.88
C THR A 117 -18.10 -0.42 -4.54
N ARG A 118 -17.93 0.83 -4.27
CA ARG A 118 -16.88 1.60 -4.93
C ARG A 118 -15.52 1.29 -4.27
N GLY A 119 -14.69 0.69 -5.09
CA GLY A 119 -13.32 0.37 -4.71
C GLY A 119 -12.24 1.18 -5.47
N ILE A 120 -11.00 0.74 -5.33
CA ILE A 120 -9.83 1.51 -5.70
C ILE A 120 -8.89 0.55 -6.41
N SER A 121 -8.18 1.06 -7.41
CA SER A 121 -7.09 0.24 -7.97
C SER A 121 -5.96 1.07 -8.51
N CYS A 122 -4.79 0.47 -8.57
CA CYS A 122 -3.58 1.04 -9.20
C CYS A 122 -2.91 -0.19 -9.87
N THR A 123 -3.06 -0.31 -11.18
CA THR A 123 -2.66 -1.48 -11.90
C THR A 123 -1.72 -1.20 -13.05
N ALA A 124 -1.30 0.01 -13.27
CA ALA A 124 -0.36 0.34 -14.31
C ALA A 124 0.96 -0.36 -14.08
N ASP A 125 1.73 -0.52 -15.16
CA ASP A 125 3.07 -1.04 -15.06
C ASP A 125 4.01 0.09 -14.63
N ILE A 126 3.84 0.54 -13.39
N ILE A 126 3.87 0.49 -13.37
CA ILE A 126 4.57 1.65 -12.82
CA ILE A 126 4.60 1.59 -12.84
C ILE A 126 6.09 1.29 -12.70
C ILE A 126 6.05 1.28 -12.77
N VAL A 127 6.43 0.03 -12.40
CA VAL A 127 7.84 -0.31 -12.35
C VAL A 127 8.44 -0.17 -13.78
N GLY A 128 7.79 -0.68 -14.79
CA GLY A 128 8.36 -0.62 -16.14
C GLY A 128 8.40 0.84 -16.61
N GLU A 129 7.46 1.68 -16.20
CA GLU A 129 7.36 3.07 -16.73
C GLU A 129 8.16 4.04 -15.89
N CYS A 130 8.66 3.65 -14.73
CA CYS A 130 9.22 4.56 -13.73
C CYS A 130 10.31 5.44 -14.34
N PRO A 131 10.30 6.72 -14.02
CA PRO A 131 11.43 7.61 -14.43
C PRO A 131 12.70 7.16 -13.73
N ALA A 132 13.83 7.50 -14.42
CA ALA A 132 15.10 7.15 -13.92
C ALA A 132 15.39 7.61 -12.50
N ALA A 133 15.02 8.87 -12.17
CA ALA A 133 15.38 9.36 -10.86
C ALA A 133 14.66 8.63 -9.72
N LEU A 134 13.52 7.94 -10.05
CA LEU A 134 12.69 7.31 -9.02
C LEU A 134 12.91 5.82 -8.94
N LYS A 135 13.54 5.22 -10.00
CA LYS A 135 13.55 3.76 -10.15
C LYS A 135 14.44 3.10 -9.12
N THR A 136 14.04 1.94 -8.63
CA THR A 136 14.84 1.15 -7.76
C THR A 136 14.53 -0.23 -7.99
N THR A 137 15.32 -1.13 -7.30
CA THR A 137 15.08 -2.57 -7.54
C THR A 137 13.64 -3.01 -7.17
N GLY A 138 12.93 -3.60 -8.04
CA GLY A 138 11.52 -4.04 -7.75
C GLY A 138 10.47 -2.94 -7.51
N GLY A 139 10.82 -1.66 -7.86
CA GLY A 139 9.80 -0.63 -7.52
C GLY A 139 10.10 0.73 -8.10
N CYS A 140 9.27 1.66 -7.70
CA CYS A 140 9.37 3.05 -8.19
C CYS A 140 9.09 3.88 -6.97
N ASN A 141 10.10 4.62 -6.47
CA ASN A 141 9.92 5.40 -5.27
C ASN A 141 9.20 6.73 -5.50
N ASN A 142 8.43 7.12 -4.50
CA ASN A 142 7.88 8.46 -4.52
C ASN A 142 9.06 9.50 -4.41
N PRO A 143 8.95 10.68 -5.00
CA PRO A 143 10.04 11.68 -4.86
C PRO A 143 10.23 12.10 -3.45
N CYS A 144 9.27 12.02 -2.54
CA CYS A 144 9.56 12.35 -1.15
C CYS A 144 10.68 11.42 -0.59
N THR A 145 10.57 10.14 -0.86
CA THR A 145 11.58 9.19 -0.40
C THR A 145 12.93 9.53 -1.04
N VAL A 146 12.97 9.81 -2.31
CA VAL A 146 14.23 10.02 -3.02
C VAL A 146 14.89 11.32 -2.57
N PHE A 147 14.17 12.42 -2.58
CA PHE A 147 14.77 13.77 -2.44
C PHE A 147 14.60 14.33 -1.06
N LYS A 148 13.55 13.98 -0.31
CA LYS A 148 13.47 14.35 1.12
C LYS A 148 13.39 15.83 1.28
N THR A 149 12.71 16.56 0.43
CA THR A 149 12.51 18.00 0.54
C THR A 149 11.08 18.30 0.77
N ASP A 150 10.78 19.49 1.28
CA ASP A 150 9.42 19.89 1.51
CA ASP A 150 9.41 19.88 1.51
C ASP A 150 8.55 19.99 0.27
N GLU A 151 9.15 20.27 -0.91
CA GLU A 151 8.43 20.26 -2.17
C GLU A 151 7.60 18.96 -2.28
N TYR A 152 8.24 17.83 -1.96
CA TYR A 152 7.65 16.50 -2.17
C TYR A 152 7.04 15.94 -0.90
N CYS A 153 7.56 16.35 0.30
CA CYS A 153 7.21 15.70 1.56
C CYS A 153 6.20 16.51 2.35
N CYS A 154 6.10 17.81 2.11
CA CYS A 154 5.02 18.63 2.65
C CYS A 154 4.95 18.75 4.17
N ASN A 155 6.05 18.66 4.84
CA ASN A 155 5.99 18.95 6.32
C ASN A 155 5.63 20.43 6.52
N SER A 156 6.15 21.32 5.66
CA SER A 156 5.90 22.77 5.76
C SER A 156 5.73 23.34 4.40
N GLY A 157 5.20 24.53 4.28
CA GLY A 157 4.98 25.14 3.01
C GLY A 157 3.64 24.77 2.34
N SER A 158 3.58 25.12 1.11
CA SER A 158 2.30 24.90 0.34
C SER A 158 2.49 23.62 -0.45
N CYS A 159 1.74 22.59 -0.13
CA CYS A 159 2.02 21.22 -0.75
C CYS A 159 1.20 21.16 -2.05
N SER A 160 1.81 21.08 -3.22
CA SER A 160 1.12 20.95 -4.51
C SER A 160 1.73 19.77 -5.24
N ALA A 161 1.03 19.33 -6.32
CA ALA A 161 1.53 18.31 -7.16
C ALA A 161 2.86 18.73 -7.80
N THR A 162 3.66 17.75 -8.20
CA THR A 162 4.94 17.91 -8.82
C THR A 162 5.00 17.01 -10.03
N ASP A 163 5.91 17.20 -10.97
CA ASP A 163 5.99 16.32 -12.15
C ASP A 163 6.16 14.88 -11.71
N TYR A 164 6.91 14.65 -10.64
CA TYR A 164 7.08 13.26 -10.17
C TYR A 164 5.84 12.73 -9.50
N SER A 165 5.08 13.53 -8.74
CA SER A 165 3.82 13.01 -8.23
C SER A 165 2.86 12.75 -9.37
N ARG A 166 2.84 13.62 -10.37
CA ARG A 166 1.91 13.49 -11.49
C ARG A 166 2.22 12.22 -12.28
N PHE A 167 3.47 11.77 -12.29
CA PHE A 167 3.75 10.50 -12.93
C PHE A 167 2.83 9.43 -12.35
N PHE A 168 2.76 9.33 -11.02
CA PHE A 168 1.93 8.31 -10.37
C PHE A 168 0.46 8.67 -10.56
N LYS A 169 0.07 9.95 -10.44
CA LYS A 169 -1.33 10.31 -10.37
C LYS A 169 -2.00 10.08 -11.72
N THR A 170 -1.35 10.42 -12.82
CA THR A 170 -2.02 10.27 -14.14
C THR A 170 -2.11 8.76 -14.41
N ARG A 171 -1.23 7.94 -13.93
CA ARG A 171 -1.28 6.51 -14.21
C ARG A 171 -2.21 5.76 -13.24
N CYS A 172 -2.39 6.27 -12.05
CA CYS A 172 -3.30 5.68 -11.02
C CYS A 172 -4.07 6.80 -10.42
N PRO A 173 -5.08 7.35 -11.11
CA PRO A 173 -5.77 8.52 -10.62
C PRO A 173 -6.50 8.34 -9.29
N ASP A 174 -6.81 7.10 -8.92
CA ASP A 174 -7.53 6.80 -7.65
C ASP A 174 -6.66 7.00 -6.36
N ALA A 175 -5.34 6.95 -6.55
CA ALA A 175 -4.42 6.77 -5.41
C ALA A 175 -3.79 8.06 -5.01
N TYR A 176 -3.41 8.16 -3.71
CA TYR A 176 -2.58 9.29 -3.26
C TYR A 176 -1.25 9.29 -3.95
N SER A 177 -0.88 10.38 -4.55
CA SER A 177 0.41 10.52 -5.24
C SER A 177 1.39 11.42 -4.49
N TYR A 178 0.92 12.25 -3.56
CA TYR A 178 1.76 13.14 -2.77
C TYR A 178 0.95 13.32 -1.50
N PRO A 179 1.61 13.86 -0.42
CA PRO A 179 1.01 13.80 0.91
C PRO A 179 -0.31 14.51 1.01
N LYS A 180 -0.59 15.57 0.33
CA LYS A 180 -1.86 16.27 0.50
C LYS A 180 -2.79 16.09 -0.74
N ASP A 181 -2.70 14.91 -1.32
CA ASP A 181 -3.51 14.53 -2.48
C ASP A 181 -4.92 14.02 -2.05
N ASP A 182 -5.51 14.79 -1.12
N ASP A 182 -5.41 14.47 -0.89
CA ASP A 182 -6.63 14.20 -0.33
CA ASP A 182 -6.64 13.85 -0.31
C ASP A 182 -7.93 14.23 -1.10
C ASP A 182 -7.93 14.17 -1.12
N GLN A 183 -8.08 15.28 -1.87
CA GLN A 183 -9.37 15.60 -2.42
C GLN A 183 -9.86 14.52 -3.41
N THR A 184 -8.92 13.91 -4.17
CA THR A 184 -9.33 12.97 -5.18
C THR A 184 -8.89 11.56 -4.84
N SER A 185 -8.49 11.30 -3.60
CA SER A 185 -7.92 9.98 -3.19
C SER A 185 -8.63 9.37 -2.00
N THR A 186 -9.65 10.06 -1.49
CA THR A 186 -10.35 9.61 -0.25
C THR A 186 -11.59 8.80 -0.56
N PHE A 187 -11.61 7.56 -0.10
CA PHE A 187 -12.76 6.65 -0.24
C PHE A 187 -13.34 6.46 1.16
N THR A 188 -14.68 6.24 1.21
CA THR A 188 -15.33 5.88 2.47
C THR A 188 -16.33 4.78 2.18
N CYS A 189 -16.59 4.04 3.26
CA CYS A 189 -17.74 3.12 3.31
C CYS A 189 -18.40 3.29 4.67
N THR A 190 -19.64 2.76 4.83
CA THR A 190 -20.22 2.70 6.18
C THR A 190 -19.33 1.95 7.13
N ALA A 191 -19.28 2.40 8.39
CA ALA A 191 -18.47 1.75 9.34
C ALA A 191 -18.80 0.30 9.43
N GLY A 192 -17.72 -0.45 9.67
CA GLY A 192 -17.90 -1.87 9.79
C GLY A 192 -17.91 -2.77 8.54
N THR A 193 -17.59 -2.20 7.37
CA THR A 193 -17.55 -2.90 6.04
C THR A 193 -16.36 -3.90 6.05
N ASN A 194 -16.47 -4.93 5.24
CA ASN A 194 -15.33 -5.82 4.98
C ASN A 194 -14.65 -5.42 3.65
N TYR A 195 -13.45 -5.93 3.47
CA TYR A 195 -12.61 -5.45 2.35
C TYR A 195 -11.86 -6.59 1.75
N GLU A 196 -11.40 -6.39 0.51
CA GLU A 196 -10.37 -7.23 -0.09
C GLU A 196 -9.20 -6.37 -0.56
N VAL A 197 -8.01 -6.95 -0.48
CA VAL A 197 -6.81 -6.32 -1.06
C VAL A 197 -6.24 -7.35 -1.97
N VAL A 198 -6.18 -7.04 -3.26
CA VAL A 198 -5.78 -8.02 -4.26
C VAL A 198 -4.50 -7.59 -4.92
N PHE A 199 -3.47 -8.36 -4.85
CA PHE A 199 -2.18 -8.08 -5.53
C PHE A 199 -2.26 -8.61 -6.99
N CYS A 200 -1.82 -7.77 -7.91
CA CYS A 200 -1.91 -8.09 -9.38
C CYS A 200 -3.36 -8.47 -9.74
N PRO A 201 -4.31 -7.62 -9.48
CA PRO A 201 -5.73 -7.93 -9.88
C PRO A 201 -5.89 -8.05 -11.37
#